data_2WPG
#
_entry.id   2WPG
#
_cell.length_a   71.634
_cell.length_b   47.658
_cell.length_c   87.932
_cell.angle_alpha   90.00
_cell.angle_beta   98.35
_cell.angle_gamma   90.00
#
_symmetry.space_group_name_H-M   'P 1 21 1'
#
loop_
_entity.id
_entity.type
_entity.pdbx_description
1 polymer 'AMYLOSUCRASE OR ALPHA AMYLASE'
2 water water
#
_entity_poly.entity_id   1
_entity_poly.type   'polypeptide(L)'
_entity_poly.pdbx_seq_one_letter_code
;MIASSPIDAAALRASVAAALDPSTAVATLARFDTHAPRLLDALSTLYGDHADYVTWLPQWLSALGVVAQARPAALRHLDD
SRAPGWFGQQDMLGYSAYVDRFAGTLRGVAERVPYLQELGVRYLHLLPFLRARAGDNDGGFAVSDYGQVEPALGSNDDLV
ALTARLRAANISLCADFVLNHTADDHAWAQAARAGDTRYLDYYHHFADRNAPDQYDTTLVQVFPQTAPGNFTWVDETRQW
MWTTFYPYQWDLNWSNPAVFGEMALAMLELANLGVEAFRLDSTAYLWKRPGTNCMNQPEAHTILVALRAVADIVAPSVVM
KAEAIVPMAELPPYFGSGVQRGHECHLAYHSTLMAAGWSALALQRGDILQDVIAHSPPLPPNCAWLSYVRCHDDIGWNVL
QHEAAGTAAQPPFSLREVAQFYANAVPGSYARGESFQSSGDGVHGTNGMSAALVGVQAAHEHADAAAAARAVDRLVLLYA
VSLAMPGVPLIYMGDELALPNDTAYLDDAQRRHEGRWLHRPAMAWELAAQRHDASTLAGTVYTRLRALIRLRAGLPALAA
TQSLGSVALGDARLFALTRGDSFLAVHNFSDVPLPVDLTQTGHALWAVLDTDGTGDAPEPHTELLLPAYGVRWLQRR
;
_entity_poly.pdbx_strand_id   A
#
# COMPACT_ATOMS: atom_id res chain seq x y z
N SER A 5 -5.13 -8.96 42.10
CA SER A 5 -5.45 -9.10 40.69
C SER A 5 -4.20 -9.32 39.82
N PRO A 6 -4.21 -10.42 39.05
CA PRO A 6 -3.10 -10.76 38.14
C PRO A 6 -2.91 -9.69 37.07
N ILE A 7 -3.92 -8.86 36.83
CA ILE A 7 -3.84 -7.83 35.81
C ILE A 7 -3.75 -6.39 36.36
N ASP A 8 -3.22 -6.23 37.57
CA ASP A 8 -2.87 -4.90 38.07
C ASP A 8 -1.86 -4.30 37.10
N ALA A 9 -1.93 -2.99 36.91
CA ALA A 9 -0.97 -2.28 36.06
C ALA A 9 0.47 -2.69 36.37
N ALA A 10 0.79 -2.79 37.66
CA ALA A 10 2.15 -3.14 38.07
C ALA A 10 2.48 -4.59 37.71
N ALA A 11 1.52 -5.48 37.89
CA ALA A 11 1.73 -6.89 37.58
C ALA A 11 1.83 -7.12 36.08
N LEU A 12 1.21 -6.21 35.32
CA LEU A 12 1.28 -6.29 33.86
C LEU A 12 2.67 -5.88 33.38
N ARG A 13 3.22 -4.81 33.95
CA ARG A 13 4.59 -4.43 33.62
C ARG A 13 5.52 -5.56 33.99
N ALA A 14 5.25 -6.17 35.14
CA ALA A 14 6.05 -7.30 35.62
C ALA A 14 6.02 -8.51 34.67
N SER A 15 4.88 -8.75 34.00
CA SER A 15 4.76 -9.85 33.06
C SER A 15 5.77 -9.69 31.92
N VAL A 16 5.90 -8.45 31.44
CA VAL A 16 6.86 -8.14 30.40
C VAL A 16 8.28 -8.14 30.95
N ALA A 17 8.48 -7.50 32.10
CA ALA A 17 9.82 -7.45 32.69
C ALA A 17 10.34 -8.85 33.00
N ALA A 18 9.44 -9.77 33.35
CA ALA A 18 9.82 -11.14 33.68
C ALA A 18 10.52 -11.89 32.54
N ALA A 19 10.36 -11.40 31.31
CA ALA A 19 10.96 -12.06 30.14
C ALA A 19 12.23 -11.36 29.66
N LEU A 20 12.49 -10.17 30.17
CA LEU A 20 13.58 -9.35 29.65
C LEU A 20 14.85 -9.45 30.49
N ASP A 21 15.98 -9.40 29.81
CA ASP A 21 17.27 -9.37 30.48
C ASP A 21 17.48 -7.98 31.05
N PRO A 22 17.53 -7.88 32.40
CA PRO A 22 17.84 -6.61 33.05
C PRO A 22 19.27 -6.20 32.71
N SER A 23 19.42 -5.44 31.64
CA SER A 23 20.72 -4.94 31.19
C SER A 23 20.56 -4.49 29.75
N THR A 24 19.46 -4.92 29.14
CA THR A 24 19.15 -4.57 27.76
C THR A 24 17.65 -4.28 27.65
N ALA A 25 17.02 -4.09 28.80
CA ALA A 25 15.56 -3.95 28.90
C ALA A 25 15.14 -2.51 29.23
N VAL A 26 16.11 -1.65 29.49
CA VAL A 26 15.80 -0.25 29.82
C VAL A 26 14.97 0.43 28.73
N ALA A 27 15.40 0.32 27.48
CA ALA A 27 14.70 0.98 26.39
C ALA A 27 13.28 0.42 26.19
N THR A 28 13.14 -0.90 26.26
CA THR A 28 11.84 -1.53 26.07
C THR A 28 10.85 -1.18 27.20
N LEU A 29 11.32 -1.23 28.43
CA LEU A 29 10.44 -0.93 29.55
C LEU A 29 10.02 0.56 29.55
N ALA A 30 10.91 1.43 29.11
CA ALA A 30 10.57 2.85 28.99
C ALA A 30 9.44 3.07 27.99
N ARG A 31 9.52 2.40 26.85
CA ARG A 31 8.51 2.52 25.81
C ARG A 31 7.22 1.87 26.27
N PHE A 32 7.35 0.79 27.05
CA PHE A 32 6.18 0.17 27.67
C PHE A 32 5.46 1.16 28.59
N ASP A 33 6.21 1.82 29.48
CA ASP A 33 5.61 2.82 30.36
C ASP A 33 4.89 3.90 29.56
N THR A 34 5.49 4.32 28.46
CA THR A 34 4.89 5.34 27.61
C THR A 34 3.57 4.88 26.96
N HIS A 35 3.60 3.69 26.34
CA HIS A 35 2.54 3.26 25.43
C HIS A 35 1.53 2.26 25.98
N ALA A 36 1.89 1.58 27.08
CA ALA A 36 1.03 0.53 27.63
C ALA A 36 -0.36 1.01 28.09
N PRO A 37 -0.45 2.22 28.68
CA PRO A 37 -1.78 2.71 29.06
C PRO A 37 -2.73 2.75 27.88
N ARG A 38 -2.26 3.22 26.72
CA ARG A 38 -3.08 3.25 25.52
C ARG A 38 -3.42 1.83 25.05
N LEU A 39 -2.40 0.97 25.00
CA LEU A 39 -2.60 -0.43 24.64
C LEU A 39 -3.62 -1.12 25.56
N LEU A 40 -3.42 -0.98 26.87
CA LEU A 40 -4.29 -1.65 27.83
C LEU A 40 -5.73 -1.11 27.82
N ASP A 41 -5.86 0.18 27.56
CA ASP A 41 -7.18 0.77 27.45
C ASP A 41 -7.92 0.16 26.24
N ALA A 42 -7.22 0.02 25.12
CA ALA A 42 -7.82 -0.57 23.93
C ALA A 42 -8.21 -2.03 24.15
N LEU A 43 -7.31 -2.80 24.77
CA LEU A 43 -7.56 -4.22 25.01
C LEU A 43 -8.74 -4.38 25.97
N SER A 44 -8.81 -3.50 26.96
CA SER A 44 -9.92 -3.55 27.90
C SER A 44 -11.24 -3.27 27.17
N THR A 45 -11.23 -2.27 26.29
CA THR A 45 -12.43 -1.92 25.53
C THR A 45 -12.90 -3.10 24.69
N LEU A 46 -11.95 -3.76 24.03
CA LEU A 46 -12.26 -4.87 23.13
C LEU A 46 -12.65 -6.12 23.89
N TYR A 47 -11.88 -6.45 24.93
CA TYR A 47 -11.90 -7.78 25.52
C TYR A 47 -12.14 -7.83 27.02
N GLY A 48 -12.31 -6.66 27.65
CA GLY A 48 -12.39 -6.57 29.10
C GLY A 48 -13.37 -7.52 29.77
N ASP A 49 -14.49 -7.79 29.12
CA ASP A 49 -15.51 -8.67 29.70
C ASP A 49 -15.50 -10.09 29.15
N HIS A 50 -14.58 -10.38 28.24
CA HIS A 50 -14.49 -11.73 27.69
C HIS A 50 -14.14 -12.66 28.82
N ALA A 51 -14.66 -13.88 28.77
CA ALA A 51 -14.44 -14.87 29.84
C ALA A 51 -12.97 -15.17 30.10
N ASP A 52 -12.13 -15.06 29.07
CA ASP A 52 -10.73 -15.44 29.20
C ASP A 52 -9.78 -14.27 29.44
N TYR A 53 -10.32 -13.07 29.58
CA TYR A 53 -9.51 -11.86 29.63
C TYR A 53 -8.48 -11.88 30.74
N VAL A 54 -8.92 -12.09 31.98
CA VAL A 54 -8.01 -12.02 33.11
C VAL A 54 -6.93 -13.10 33.04
N THR A 55 -7.30 -14.29 32.59
CA THR A 55 -6.33 -15.38 32.49
C THR A 55 -5.43 -15.26 31.25
N TRP A 56 -5.90 -14.53 30.26
CA TRP A 56 -5.17 -14.36 29.00
C TRP A 56 -4.10 -13.27 29.07
N LEU A 57 -4.42 -12.14 29.69
CA LEU A 57 -3.62 -10.93 29.52
C LEU A 57 -2.17 -11.05 30.06
N PRO A 58 -2.01 -11.54 31.30
CA PRO A 58 -0.65 -11.61 31.83
C PRO A 58 0.26 -12.56 31.05
N GLN A 59 -0.20 -13.76 30.72
CA GLN A 59 0.67 -14.68 29.98
C GLN A 59 0.97 -14.18 28.57
N TRP A 60 0.04 -13.47 27.97
CA TRP A 60 0.30 -12.90 26.64
C TRP A 60 1.38 -11.82 26.70
N LEU A 61 1.34 -10.99 27.73
CA LEU A 61 2.35 -9.94 27.89
C LEU A 61 3.73 -10.56 28.13
N SER A 62 3.76 -11.69 28.83
CA SER A 62 5.04 -12.39 29.01
C SER A 62 5.54 -12.89 27.66
N ALA A 63 4.64 -13.41 26.84
CA ALA A 63 5.01 -13.92 25.52
C ALA A 63 5.51 -12.80 24.62
N LEU A 64 4.90 -11.62 24.78
CA LEU A 64 5.36 -10.42 24.08
C LEU A 64 6.79 -10.06 24.51
N GLY A 65 7.03 -10.09 25.81
CA GLY A 65 8.36 -9.82 26.34
C GLY A 65 9.38 -10.80 25.80
N VAL A 66 8.99 -12.07 25.69
CA VAL A 66 9.90 -13.08 25.17
C VAL A 66 10.29 -12.77 23.72
N VAL A 67 9.31 -12.37 22.91
CA VAL A 67 9.62 -12.00 21.55
C VAL A 67 10.45 -10.72 21.47
N ALA A 68 10.23 -9.80 22.41
CA ALA A 68 11.02 -8.57 22.44
C ALA A 68 12.48 -8.89 22.76
N GLN A 69 12.69 -9.79 23.70
CA GLN A 69 14.04 -10.20 24.09
C GLN A 69 14.80 -10.79 22.89
N ALA A 70 14.08 -11.51 22.04
CA ALA A 70 14.67 -12.16 20.87
C ALA A 70 14.96 -11.22 19.69
N ARG A 71 14.52 -9.97 19.78
CA ARG A 71 14.74 -9.01 18.69
C ARG A 71 16.23 -8.86 18.42
N PRO A 72 16.65 -9.15 17.18
CA PRO A 72 18.08 -9.09 16.84
C PRO A 72 18.69 -7.71 17.06
N ALA A 73 19.98 -7.69 17.39
CA ALA A 73 20.71 -6.45 17.62
C ALA A 73 20.58 -5.45 16.47
N ALA A 74 20.67 -5.92 15.23
CA ALA A 74 20.61 -5.02 14.07
C ALA A 74 19.26 -4.31 13.99
N LEU A 75 18.20 -4.98 14.43
CA LEU A 75 16.87 -4.38 14.42
C LEU A 75 16.64 -3.51 15.66
N ARG A 76 17.15 -3.94 16.80
CA ARG A 76 17.16 -3.06 17.95
C ARG A 76 17.79 -1.73 17.57
N HIS A 77 18.87 -1.79 16.79
CA HIS A 77 19.56 -0.56 16.40
C HIS A 77 18.65 0.37 15.60
N LEU A 78 17.90 -0.17 14.66
CA LEU A 78 16.94 0.65 13.93
C LEU A 78 15.91 1.24 14.89
N ASP A 79 15.39 0.42 15.79
CA ASP A 79 14.47 0.89 16.83
C ASP A 79 15.04 2.12 17.54
N ASP A 80 16.32 2.06 17.84
CA ASP A 80 16.95 3.11 18.66
C ASP A 80 17.26 4.35 17.85
N SER A 81 17.49 4.19 16.56
CA SER A 81 18.05 5.27 15.75
C SER A 81 17.06 5.93 14.79
N ARG A 82 16.06 5.19 14.33
CA ARG A 82 15.09 5.76 13.40
C ARG A 82 14.23 6.81 14.07
N ALA A 83 14.17 8.00 13.48
CA ALA A 83 13.32 9.06 14.00
C ALA A 83 11.89 8.88 13.54
N PRO A 84 10.93 9.28 14.37
CA PRO A 84 9.53 9.30 13.93
C PRO A 84 9.39 10.02 12.60
N GLY A 85 8.61 9.46 11.69
CA GLY A 85 8.37 10.09 10.40
C GLY A 85 9.47 9.80 9.39
N TRP A 86 10.38 8.88 9.73
CA TRP A 86 11.48 8.55 8.84
C TRP A 86 11.01 8.10 7.44
N PHE A 87 9.87 7.44 7.40
CA PHE A 87 9.36 6.85 6.16
C PHE A 87 8.75 7.89 5.20
N GLY A 88 8.65 9.14 5.66
CA GLY A 88 8.11 10.21 4.82
C GLY A 88 9.15 11.19 4.27
N GLN A 89 10.42 10.93 4.56
CA GLN A 89 11.49 11.78 4.05
C GLN A 89 11.56 11.74 2.52
N GLN A 90 12.08 12.81 1.93
CA GLN A 90 12.04 12.98 0.47
C GLN A 90 12.86 11.94 -0.30
N ASP A 91 13.84 11.32 0.34
CA ASP A 91 14.62 10.30 -0.35
C ASP A 91 13.91 8.94 -0.31
N MET A 92 12.71 8.91 0.23
CA MET A 92 11.93 7.69 0.23
C MET A 92 11.30 7.50 -1.14
N LEU A 93 11.56 6.33 -1.73
CA LEU A 93 10.96 5.90 -2.96
C LEU A 93 10.61 4.43 -2.79
N GLY A 94 9.44 4.02 -3.30
CA GLY A 94 8.98 2.66 -3.13
C GLY A 94 8.88 1.84 -4.40
N TYR A 95 8.79 0.51 -4.22
CA TYR A 95 8.73 -0.40 -5.35
C TYR A 95 7.90 -1.58 -4.89
N SER A 96 6.96 -2.03 -5.70
CA SER A 96 6.12 -3.15 -5.33
C SER A 96 6.22 -4.26 -6.40
N ALA A 97 6.42 -5.49 -5.94
CA ALA A 97 6.62 -6.61 -6.84
C ALA A 97 6.30 -7.94 -6.17
N TYR A 98 5.93 -8.91 -7.00
CA TYR A 98 5.91 -10.31 -6.62
C TYR A 98 7.31 -10.88 -6.56
N VAL A 99 7.57 -11.75 -5.59
CA VAL A 99 8.88 -12.38 -5.46
C VAL A 99 9.21 -13.20 -6.70
N ASP A 100 8.29 -14.09 -7.08
CA ASP A 100 8.54 -14.94 -8.25
C ASP A 100 8.72 -14.14 -9.54
N ARG A 101 7.84 -13.17 -9.78
CA ARG A 101 7.91 -12.41 -11.02
C ARG A 101 9.17 -11.54 -11.11
N PHE A 102 9.61 -11.00 -9.98
CA PHE A 102 10.78 -10.13 -9.95
C PHE A 102 12.08 -10.91 -10.13
N ALA A 103 12.28 -11.97 -9.35
CA ALA A 103 13.57 -12.66 -9.37
C ALA A 103 13.49 -14.11 -8.93
N GLY A 104 12.31 -14.69 -9.04
CA GLY A 104 12.11 -16.10 -8.74
C GLY A 104 11.98 -16.46 -7.26
N THR A 105 12.94 -16.03 -6.46
CA THR A 105 13.05 -16.46 -5.07
C THR A 105 13.56 -15.30 -4.22
N LEU A 106 13.53 -15.47 -2.90
CA LEU A 106 14.07 -14.46 -1.99
C LEU A 106 15.56 -14.27 -2.21
N ARG A 107 16.28 -15.37 -2.42
CA ARG A 107 17.69 -15.27 -2.79
C ARG A 107 17.87 -14.48 -4.09
N GLY A 108 17.00 -14.71 -5.07
CA GLY A 108 17.07 -14.00 -6.33
C GLY A 108 16.85 -12.51 -6.11
N VAL A 109 15.90 -12.18 -5.25
CA VAL A 109 15.65 -10.78 -4.93
C VAL A 109 16.88 -10.14 -4.33
N ALA A 110 17.54 -10.84 -3.41
CA ALA A 110 18.74 -10.30 -2.77
C ALA A 110 19.81 -9.99 -3.82
N GLU A 111 19.88 -10.81 -4.85
CA GLU A 111 20.88 -10.62 -5.89
C GLU A 111 20.58 -9.38 -6.75
N ARG A 112 19.34 -8.92 -6.75
CA ARG A 112 18.95 -7.78 -7.57
C ARG A 112 18.88 -6.50 -6.75
N VAL A 113 19.35 -6.54 -5.52
CA VAL A 113 19.34 -5.34 -4.69
C VAL A 113 20.06 -4.15 -5.35
N PRO A 114 21.22 -4.38 -5.98
CA PRO A 114 21.90 -3.24 -6.62
C PRO A 114 21.05 -2.52 -7.67
N TYR A 115 20.21 -3.27 -8.38
CA TYR A 115 19.25 -2.69 -9.32
C TYR A 115 18.29 -1.74 -8.60
N LEU A 116 17.74 -2.21 -7.50
CA LEU A 116 16.82 -1.39 -6.70
C LEU A 116 17.53 -0.17 -6.14
N GLN A 117 18.71 -0.38 -5.58
CA GLN A 117 19.49 0.72 -5.02
C GLN A 117 19.80 1.79 -6.04
N GLU A 118 20.19 1.39 -7.25
CA GLU A 118 20.49 2.37 -8.30
C GLU A 118 19.25 3.15 -8.74
N LEU A 119 18.10 2.48 -8.74
CA LEU A 119 16.84 3.13 -9.07
C LEU A 119 16.50 4.18 -8.01
N GLY A 120 16.99 3.96 -6.79
CA GLY A 120 16.75 4.88 -5.69
C GLY A 120 15.73 4.36 -4.69
N VAL A 121 15.42 3.08 -4.78
CA VAL A 121 14.38 2.49 -3.93
C VAL A 121 14.84 2.41 -2.48
N ARG A 122 14.02 2.90 -1.55
CA ARG A 122 14.30 2.75 -0.12
C ARG A 122 13.20 1.95 0.59
N TYR A 123 12.19 1.53 -0.16
CA TYR A 123 11.02 0.89 0.43
C TYR A 123 10.52 -0.16 -0.56
N LEU A 124 10.66 -1.43 -0.20
CA LEU A 124 10.35 -2.50 -1.14
C LEU A 124 9.19 -3.34 -0.62
N HIS A 125 8.09 -3.35 -1.36
CA HIS A 125 6.95 -4.18 -1.02
C HIS A 125 7.03 -5.46 -1.84
N LEU A 126 7.28 -6.58 -1.16
CA LEU A 126 7.14 -7.89 -1.81
C LEU A 126 5.76 -8.44 -1.50
N LEU A 127 4.98 -8.67 -2.56
CA LEU A 127 3.63 -9.22 -2.44
C LEU A 127 3.66 -10.62 -1.81
N PRO A 128 2.48 -11.16 -1.42
CA PRO A 128 2.46 -12.27 -0.46
C PRO A 128 3.45 -13.40 -0.75
N PHE A 129 4.32 -13.68 0.23
CA PHE A 129 5.39 -14.66 0.05
C PHE A 129 5.48 -15.67 1.20
N LEU A 130 4.55 -15.56 2.16
CA LEU A 130 4.44 -16.49 3.27
C LEU A 130 3.72 -17.77 2.85
N ARG A 131 3.97 -18.89 3.53
CA ARG A 131 3.36 -20.15 3.12
C ARG A 131 1.85 -20.02 3.01
N ALA A 132 1.31 -20.44 1.88
CA ALA A 132 -0.09 -20.22 1.55
C ALA A 132 -0.76 -21.57 1.25
N ARG A 133 -2.09 -21.55 1.15
CA ARG A 133 -2.84 -22.79 0.97
C ARG A 133 -2.37 -23.65 -0.20
N ALA A 134 -2.35 -24.96 0.02
CA ALA A 134 -2.12 -25.91 -1.06
C ALA A 134 -3.22 -25.76 -2.12
N GLY A 135 -2.81 -25.70 -3.37
CA GLY A 135 -3.77 -25.56 -4.46
C GLY A 135 -4.15 -24.11 -4.69
N ASP A 136 -5.44 -23.83 -4.73
CA ASP A 136 -5.91 -22.47 -4.88
C ASP A 136 -5.61 -21.73 -3.59
N ASN A 137 -5.11 -20.50 -3.71
CA ASN A 137 -4.79 -19.72 -2.51
C ASN A 137 -4.95 -18.21 -2.66
N ASP A 138 -5.79 -17.79 -3.60
CA ASP A 138 -6.14 -16.39 -3.77
C ASP A 138 -4.88 -15.54 -3.97
N GLY A 139 -4.00 -15.99 -4.86
CA GLY A 139 -2.80 -15.26 -5.17
C GLY A 139 -1.88 -15.05 -3.99
N GLY A 140 -1.89 -15.99 -3.05
CA GLY A 140 -1.05 -15.92 -1.86
C GLY A 140 -1.73 -15.28 -0.67
N PHE A 141 -2.93 -14.74 -0.88
CA PHE A 141 -3.67 -14.05 0.18
C PHE A 141 -4.43 -15.00 1.13
N ALA A 142 -4.42 -16.30 0.82
CA ALA A 142 -4.91 -17.33 1.74
C ALA A 142 -3.71 -17.94 2.49
N VAL A 143 -3.41 -17.40 3.66
CA VAL A 143 -2.15 -17.66 4.34
C VAL A 143 -2.21 -18.86 5.28
N SER A 144 -1.25 -19.78 5.15
CA SER A 144 -1.27 -21.00 5.95
C SER A 144 -0.34 -20.93 7.16
N ASP A 145 0.57 -19.97 7.15
CA ASP A 145 1.53 -19.80 8.25
C ASP A 145 2.16 -18.41 8.14
N TYR A 146 1.82 -17.52 9.08
CA TYR A 146 2.36 -16.16 9.10
C TYR A 146 3.85 -16.14 9.47
N GLY A 147 4.38 -17.28 9.88
CA GLY A 147 5.76 -17.33 10.33
C GLY A 147 6.69 -18.16 9.46
N GLN A 148 6.27 -18.52 8.25
CA GLN A 148 7.11 -19.31 7.37
C GLN A 148 7.04 -18.87 5.92
N VAL A 149 8.20 -18.65 5.30
CA VAL A 149 8.26 -18.30 3.88
C VAL A 149 7.73 -19.47 3.06
N GLU A 150 6.96 -19.17 2.01
CA GLU A 150 6.50 -20.19 1.05
C GLU A 150 7.71 -20.94 0.49
N PRO A 151 7.80 -22.27 0.73
CA PRO A 151 9.04 -22.98 0.36
C PRO A 151 9.49 -22.80 -1.09
N ALA A 152 8.57 -22.80 -2.05
CA ALA A 152 8.97 -22.61 -3.44
C ALA A 152 9.66 -21.25 -3.67
N LEU A 153 9.49 -20.32 -2.72
CA LEU A 153 10.10 -18.99 -2.82
C LEU A 153 11.36 -18.85 -1.98
N GLY A 154 11.53 -19.74 -1.00
CA GLY A 154 12.70 -19.72 -0.15
C GLY A 154 12.39 -20.17 1.27
N SER A 155 13.34 -19.96 2.16
CA SER A 155 13.20 -20.31 3.58
C SER A 155 13.25 -19.07 4.45
N ASN A 156 13.00 -19.24 5.74
CA ASN A 156 13.15 -18.15 6.68
C ASN A 156 14.58 -17.60 6.71
N ASP A 157 15.57 -18.50 6.61
CA ASP A 157 16.96 -18.08 6.54
C ASP A 157 17.20 -17.17 5.34
N ASP A 158 16.55 -17.48 4.22
CA ASP A 158 16.70 -16.64 3.03
C ASP A 158 16.11 -15.24 3.29
N LEU A 159 14.99 -15.18 4.01
CA LEU A 159 14.39 -13.91 4.37
C LEU A 159 15.30 -13.11 5.30
N VAL A 160 15.87 -13.77 6.30
CA VAL A 160 16.83 -13.11 7.17
C VAL A 160 17.98 -12.52 6.34
N ALA A 161 18.50 -13.32 5.42
CA ALA A 161 19.61 -12.87 4.57
C ALA A 161 19.20 -11.71 3.67
N LEU A 162 18.01 -11.82 3.08
CA LEU A 162 17.51 -10.77 2.21
C LEU A 162 17.38 -9.43 2.93
N THR A 163 16.77 -9.45 4.12
CA THR A 163 16.55 -8.18 4.84
C THR A 163 17.88 -7.58 5.30
N ALA A 164 18.85 -8.43 5.61
CA ALA A 164 20.19 -7.93 5.96
C ALA A 164 20.82 -7.24 4.76
N ARG A 165 20.66 -7.83 3.59
CA ARG A 165 21.14 -7.23 2.35
C ARG A 165 20.41 -5.91 2.08
N LEU A 166 19.09 -5.93 2.28
CA LEU A 166 18.28 -4.74 2.08
C LEU A 166 18.73 -3.59 2.99
N ARG A 167 18.97 -3.90 4.26
CA ARG A 167 19.33 -2.86 5.21
C ARG A 167 20.66 -2.21 4.83
N ALA A 168 21.59 -3.02 4.32
CA ALA A 168 22.87 -2.48 3.88
C ALA A 168 22.67 -1.50 2.74
N ALA A 169 21.62 -1.70 1.95
CA ALA A 169 21.31 -0.79 0.84
C ALA A 169 20.34 0.32 1.25
N ASN A 170 20.04 0.40 2.55
CA ASN A 170 19.11 1.38 3.09
C ASN A 170 17.69 1.16 2.56
N ILE A 171 17.30 -0.10 2.39
CA ILE A 171 15.98 -0.44 1.87
C ILE A 171 15.16 -1.14 2.96
N SER A 172 13.90 -0.73 3.10
CA SER A 172 12.99 -1.31 4.10
C SER A 172 11.99 -2.27 3.47
N LEU A 173 11.91 -3.50 3.98
CA LEU A 173 10.95 -4.47 3.44
C LEU A 173 9.54 -4.26 4.00
N CYS A 174 8.57 -4.09 3.10
CA CYS A 174 7.16 -4.12 3.47
C CYS A 174 6.56 -5.46 3.10
N ALA A 175 5.87 -6.09 4.06
CA ALA A 175 5.19 -7.36 3.81
C ALA A 175 3.71 -7.31 4.16
N ASP A 176 2.89 -8.03 3.40
CA ASP A 176 1.47 -8.12 3.73
C ASP A 176 1.26 -8.89 5.01
N PHE A 177 0.33 -8.42 5.83
CA PHE A 177 -0.11 -9.15 7.00
C PHE A 177 -1.61 -9.28 6.83
N VAL A 178 -2.06 -10.47 6.43
CA VAL A 178 -3.48 -10.67 6.15
C VAL A 178 -4.24 -10.88 7.45
N LEU A 179 -4.65 -9.77 8.08
CA LEU A 179 -5.22 -9.77 9.43
C LEU A 179 -6.59 -10.44 9.58
N ASN A 180 -7.40 -10.38 8.53
CA ASN A 180 -8.81 -10.69 8.66
C ASN A 180 -9.13 -12.17 8.65
N HIS A 181 -8.32 -12.96 7.94
CA HIS A 181 -8.67 -14.34 7.66
C HIS A 181 -7.42 -15.18 7.36
N THR A 182 -7.51 -16.50 7.57
CA THR A 182 -6.40 -17.40 7.26
C THR A 182 -6.85 -18.40 6.20
N ALA A 183 -5.90 -19.11 5.61
CA ALA A 183 -6.26 -20.29 4.80
C ALA A 183 -6.86 -21.35 5.72
N ASP A 184 -7.73 -22.19 5.16
CA ASP A 184 -8.39 -23.23 5.96
C ASP A 184 -7.47 -24.40 6.25
N ASP A 185 -6.20 -24.27 5.88
CA ASP A 185 -5.21 -25.27 6.25
C ASP A 185 -4.12 -24.68 7.12
N HIS A 186 -4.34 -23.46 7.60
CA HIS A 186 -3.53 -22.89 8.67
C HIS A 186 -3.54 -23.86 9.86
N ALA A 187 -2.48 -23.86 10.67
CA ALA A 187 -2.45 -24.75 11.85
C ALA A 187 -3.65 -24.57 12.79
N TRP A 188 -4.14 -23.33 12.94
CA TRP A 188 -5.27 -23.09 13.84
C TRP A 188 -6.53 -23.70 13.26
N ALA A 189 -6.68 -23.61 11.95
CA ALA A 189 -7.83 -24.20 11.25
C ALA A 189 -7.78 -25.72 11.31
N GLN A 190 -6.58 -26.28 11.16
CA GLN A 190 -6.42 -27.73 11.28
C GLN A 190 -6.75 -28.22 12.69
N ALA A 191 -6.36 -27.44 13.71
CA ALA A 191 -6.68 -27.79 15.10
C ALA A 191 -8.18 -27.73 15.35
N ALA A 192 -8.84 -26.71 14.79
CA ALA A 192 -10.31 -26.65 14.82
C ALA A 192 -10.94 -27.88 14.13
N ARG A 193 -10.43 -28.23 12.96
CA ARG A 193 -10.98 -29.36 12.20
C ARG A 193 -10.75 -30.68 12.94
N ALA A 194 -9.74 -30.74 13.79
CA ALA A 194 -9.42 -31.93 14.57
C ALA A 194 -10.20 -31.96 15.89
N GLY A 195 -11.06 -30.97 16.09
CA GLY A 195 -11.99 -30.98 17.21
C GLY A 195 -11.55 -30.17 18.42
N ASP A 196 -10.49 -29.39 18.27
CA ASP A 196 -10.02 -28.59 19.39
C ASP A 196 -10.80 -27.29 19.47
N THR A 197 -11.75 -27.22 20.40
CA THR A 197 -12.69 -26.09 20.46
C THR A 197 -11.99 -24.77 20.72
N ARG A 198 -10.82 -24.84 21.35
CA ARG A 198 -10.01 -23.65 21.60
C ARG A 198 -9.66 -22.96 20.28
N TYR A 199 -9.26 -23.75 19.29
CA TYR A 199 -8.92 -23.18 17.98
C TYR A 199 -10.13 -22.98 17.10
N LEU A 200 -11.16 -23.80 17.29
CA LEU A 200 -12.40 -23.55 16.58
C LEU A 200 -12.81 -22.12 16.91
N ASP A 201 -12.64 -21.73 18.18
CA ASP A 201 -12.99 -20.39 18.63
C ASP A 201 -12.05 -19.29 18.12
N TYR A 202 -11.03 -19.67 17.35
CA TYR A 202 -10.21 -18.68 16.66
C TYR A 202 -10.95 -18.17 15.45
N TYR A 203 -12.07 -18.79 15.12
CA TYR A 203 -12.84 -18.42 13.94
C TYR A 203 -14.30 -18.20 14.30
N HIS A 204 -15.08 -17.76 13.32
CA HIS A 204 -16.51 -17.52 13.52
C HIS A 204 -17.29 -18.74 13.06
N HIS A 205 -17.90 -19.46 14.00
CA HIS A 205 -18.53 -20.75 13.69
C HIS A 205 -19.95 -20.81 14.24
N PHE A 206 -20.84 -21.43 13.48
CA PHE A 206 -22.24 -21.50 13.86
C PHE A 206 -22.79 -22.91 13.65
N ALA A 207 -23.50 -23.43 14.65
CA ALA A 207 -24.02 -24.79 14.59
C ALA A 207 -25.06 -24.97 13.48
N ASP A 208 -25.78 -23.91 13.15
CA ASP A 208 -26.81 -23.99 12.11
C ASP A 208 -26.90 -22.68 11.34
N ARG A 209 -27.87 -22.59 10.43
CA ARG A 209 -27.98 -21.44 9.52
C ARG A 209 -28.65 -20.22 10.15
N ASN A 210 -29.06 -20.33 11.40
CA ASN A 210 -29.84 -19.29 12.04
C ASN A 210 -29.19 -17.90 12.06
N ALA A 211 -27.99 -17.80 12.60
CA ALA A 211 -27.27 -16.53 12.61
C ALA A 211 -26.71 -16.15 11.24
N PRO A 212 -26.09 -17.12 10.52
CA PRO A 212 -25.67 -16.81 9.16
C PRO A 212 -26.82 -16.26 8.29
N ASP A 213 -28.00 -16.86 8.37
CA ASP A 213 -29.12 -16.36 7.58
C ASP A 213 -29.36 -14.87 7.87
N GLN A 214 -29.36 -14.51 9.15
CA GLN A 214 -29.63 -13.13 9.57
C GLN A 214 -28.51 -12.17 9.16
N TYR A 215 -27.27 -12.63 9.29
CA TYR A 215 -26.13 -11.87 8.83
C TYR A 215 -26.22 -11.61 7.33
N ASP A 216 -26.66 -12.61 6.56
CA ASP A 216 -26.79 -12.47 5.12
C ASP A 216 -27.74 -11.34 4.69
N THR A 217 -28.60 -10.89 5.61
CA THR A 217 -29.54 -9.82 5.25
C THR A 217 -28.86 -8.45 5.25
N THR A 218 -27.73 -8.33 5.94
CA THR A 218 -27.06 -7.04 6.05
C THR A 218 -25.65 -7.03 5.46
N LEU A 219 -25.14 -8.20 5.09
CA LEU A 219 -23.80 -8.29 4.52
C LEU A 219 -23.78 -8.04 3.02
N VAL A 220 -22.71 -7.41 2.56
CA VAL A 220 -22.47 -7.22 1.14
C VAL A 220 -21.55 -8.32 0.65
N GLN A 221 -21.99 -9.05 -0.38
CA GLN A 221 -21.15 -10.09 -0.95
C GLN A 221 -19.99 -9.49 -1.76
N VAL A 222 -18.79 -10.00 -1.50
CA VAL A 222 -17.59 -9.57 -2.22
C VAL A 222 -17.50 -10.28 -3.57
N PHE A 223 -17.82 -11.57 -3.55
CA PHE A 223 -17.76 -12.41 -4.75
C PHE A 223 -19.11 -13.02 -5.11
N PRO A 224 -20.10 -12.18 -5.45
CA PRO A 224 -21.45 -12.67 -5.78
C PRO A 224 -21.41 -13.80 -6.82
N PRO A 228 -19.78 -16.98 -4.18
CA PRO A 228 -21.08 -16.53 -3.67
C PRO A 228 -21.29 -16.93 -2.21
N GLY A 229 -21.58 -15.96 -1.35
CA GLY A 229 -21.90 -16.25 0.04
C GLY A 229 -20.93 -15.66 1.04
N ASN A 230 -21.31 -15.66 2.31
CA ASN A 230 -20.44 -15.19 3.39
C ASN A 230 -20.14 -16.29 4.39
N PHE A 231 -20.78 -17.45 4.19
CA PHE A 231 -20.63 -18.58 5.11
C PHE A 231 -20.44 -19.90 4.36
N THR A 232 -19.56 -20.74 4.87
CA THR A 232 -19.30 -22.05 4.25
C THR A 232 -19.47 -23.18 5.27
N TRP A 233 -20.26 -24.18 4.89
CA TRP A 233 -20.43 -25.37 5.72
C TRP A 233 -19.21 -26.25 5.57
N VAL A 234 -18.59 -26.59 6.68
CA VAL A 234 -17.41 -27.43 6.67
C VAL A 234 -17.76 -28.80 7.23
N ASP A 235 -17.71 -29.83 6.38
CA ASP A 235 -18.19 -31.16 6.76
C ASP A 235 -17.44 -31.73 7.97
N GLU A 236 -16.13 -31.50 7.99
CA GLU A 236 -15.27 -32.03 9.05
C GLU A 236 -15.70 -31.55 10.44
N THR A 237 -16.00 -30.25 10.56
CA THR A 237 -16.44 -29.68 11.83
C THR A 237 -17.97 -29.66 11.98
N ARG A 238 -18.67 -29.88 10.88
CA ARG A 238 -20.12 -29.75 10.85
C ARG A 238 -20.57 -28.40 11.44
N GLN A 239 -19.92 -27.34 10.97
CA GLN A 239 -20.26 -25.98 11.37
C GLN A 239 -20.27 -25.09 10.15
N TRP A 240 -21.05 -24.01 10.21
CA TRP A 240 -20.94 -22.94 9.23
C TRP A 240 -19.84 -22.01 9.69
N MET A 241 -18.85 -21.81 8.82
CA MET A 241 -17.74 -20.90 9.11
C MET A 241 -17.91 -19.61 8.32
N TRP A 242 -17.52 -18.49 8.93
CA TRP A 242 -17.60 -17.21 8.26
C TRP A 242 -16.48 -17.17 7.21
N THR A 243 -16.87 -17.01 5.94
CA THR A 243 -15.90 -16.90 4.85
C THR A 243 -16.26 -15.72 3.94
N THR A 244 -15.79 -14.54 4.32
CA THR A 244 -16.07 -13.32 3.55
C THR A 244 -15.62 -13.47 2.11
N PHE A 245 -14.41 -13.97 1.92
CA PHE A 245 -13.84 -14.04 0.59
C PHE A 245 -14.02 -15.43 0.02
N TYR A 246 -12.94 -16.15 -0.30
CA TYR A 246 -13.11 -17.51 -0.82
C TYR A 246 -13.50 -18.46 0.30
N PRO A 247 -14.15 -19.58 -0.05
CA PRO A 247 -14.61 -20.54 0.97
C PRO A 247 -13.45 -21.16 1.74
N TYR A 248 -12.24 -21.09 1.20
CA TYR A 248 -11.07 -21.63 1.87
C TYR A 248 -10.31 -20.56 2.65
N GLN A 249 -10.95 -19.40 2.79
CA GLN A 249 -10.45 -18.33 3.68
C GLN A 249 -11.43 -18.12 4.83
N TRP A 250 -11.06 -18.57 6.02
CA TRP A 250 -11.90 -18.43 7.21
C TRP A 250 -11.60 -17.14 7.97
N ASP A 251 -12.62 -16.32 8.20
CA ASP A 251 -12.45 -15.06 8.94
C ASP A 251 -12.06 -15.34 10.38
N LEU A 252 -10.99 -14.70 10.83
CA LEU A 252 -10.56 -14.85 12.21
C LEU A 252 -11.55 -14.21 13.16
N ASN A 253 -11.64 -14.74 14.38
CA ASN A 253 -12.57 -14.20 15.36
C ASN A 253 -11.89 -13.18 16.24
N TRP A 254 -11.92 -11.91 15.82
CA TRP A 254 -11.21 -10.86 16.54
C TRP A 254 -11.89 -10.42 17.84
N SER A 255 -13.04 -11.00 18.17
CA SER A 255 -13.65 -10.76 19.49
C SER A 255 -13.01 -11.63 20.57
N ASN A 256 -12.13 -12.56 20.15
CA ASN A 256 -11.45 -13.46 21.06
C ASN A 256 -10.04 -12.92 21.35
N PRO A 257 -9.75 -12.58 22.61
CA PRO A 257 -8.45 -11.95 22.88
C PRO A 257 -7.28 -12.85 22.49
N ALA A 258 -7.49 -14.17 22.49
CA ALA A 258 -6.41 -15.09 22.13
C ALA A 258 -5.98 -14.84 20.69
N VAL A 259 -6.95 -14.52 19.86
CA VAL A 259 -6.69 -14.20 18.46
C VAL A 259 -5.90 -12.90 18.37
N PHE A 260 -6.30 -11.89 19.12
CA PHE A 260 -5.49 -10.67 19.13
C PHE A 260 -4.05 -10.99 19.54
N GLY A 261 -3.88 -11.73 20.62
CA GLY A 261 -2.55 -12.05 21.11
C GLY A 261 -1.69 -12.76 20.08
N GLU A 262 -2.27 -13.79 19.47
CA GLU A 262 -1.56 -14.59 18.48
C GLU A 262 -1.10 -13.74 17.30
N MET A 263 -1.98 -12.86 16.83
CA MET A 263 -1.64 -12.07 15.64
C MET A 263 -0.62 -10.97 15.96
N ALA A 264 -0.67 -10.42 17.17
CA ALA A 264 0.35 -9.45 17.58
C ALA A 264 1.71 -10.12 17.63
N LEU A 265 1.75 -11.34 18.15
CA LEU A 265 3.02 -12.08 18.20
C LEU A 265 3.51 -12.41 16.79
N ALA A 266 2.60 -12.80 15.90
CA ALA A 266 3.00 -13.14 14.54
C ALA A 266 3.59 -11.92 13.86
N MET A 267 3.02 -10.75 14.15
CA MET A 267 3.54 -9.52 13.59
C MET A 267 4.96 -9.25 14.07
N LEU A 268 5.19 -9.31 15.38
CA LEU A 268 6.53 -9.08 15.92
C LEU A 268 7.54 -10.11 15.44
N GLU A 269 7.08 -11.34 15.23
CA GLU A 269 8.01 -12.37 14.78
C GLU A 269 8.44 -12.11 13.36
N LEU A 270 7.54 -11.56 12.55
CA LEU A 270 7.91 -11.09 11.21
C LEU A 270 8.89 -9.90 11.29
N ALA A 271 8.60 -8.97 12.21
CA ALA A 271 9.48 -7.81 12.36
C ALA A 271 10.89 -8.27 12.72
N ASN A 272 10.97 -9.31 13.52
CA ASN A 272 12.26 -9.85 13.97
C ASN A 272 13.07 -10.52 12.86
N LEU A 273 12.40 -10.90 11.78
CA LEU A 273 13.07 -11.46 10.61
C LEU A 273 13.47 -10.33 9.68
N GLY A 274 13.16 -9.11 10.08
CA GLY A 274 13.59 -7.94 9.36
C GLY A 274 12.51 -7.22 8.57
N VAL A 275 11.25 -7.61 8.75
CA VAL A 275 10.17 -6.87 8.11
C VAL A 275 10.06 -5.51 8.79
N GLU A 276 10.02 -4.43 8.00
CA GLU A 276 10.04 -3.08 8.54
C GLU A 276 8.72 -2.34 8.37
N ALA A 277 7.85 -2.86 7.51
CA ALA A 277 6.54 -2.25 7.29
C ALA A 277 5.50 -3.33 7.04
N PHE A 278 4.30 -3.14 7.57
CA PHE A 278 3.23 -4.11 7.43
C PHE A 278 2.04 -3.52 6.69
N ARG A 279 1.73 -4.14 5.56
CA ARG A 279 0.55 -3.82 4.79
C ARG A 279 -0.61 -4.59 5.41
N LEU A 280 -1.40 -3.90 6.22
CA LEU A 280 -2.44 -4.55 6.99
C LEU A 280 -3.68 -4.69 6.11
N ASP A 281 -4.01 -5.92 5.75
CA ASP A 281 -5.00 -6.18 4.70
C ASP A 281 -6.40 -6.53 5.22
N SER A 282 -7.42 -6.03 4.53
CA SER A 282 -8.81 -6.39 4.84
C SER A 282 -9.22 -5.92 6.24
N THR A 283 -8.72 -4.75 6.65
CA THR A 283 -8.99 -4.26 8.00
C THR A 283 -10.45 -3.85 8.22
N ALA A 284 -11.15 -3.50 7.16
CA ALA A 284 -12.54 -3.10 7.31
C ALA A 284 -13.39 -4.23 7.91
N TYR A 285 -12.96 -5.47 7.69
CA TYR A 285 -13.78 -6.63 8.06
C TYR A 285 -13.49 -7.21 9.43
N LEU A 286 -12.53 -6.62 10.15
CA LEU A 286 -12.06 -7.23 11.41
C LEU A 286 -13.14 -7.44 12.46
N TRP A 287 -14.12 -6.56 12.51
CA TRP A 287 -15.12 -6.65 13.57
C TRP A 287 -16.53 -6.92 13.07
N LYS A 288 -17.14 -8.00 13.56
CA LYS A 288 -18.51 -8.32 13.19
C LYS A 288 -19.45 -7.80 14.25
N ARG A 289 -20.57 -7.23 13.81
CA ARG A 289 -21.61 -6.75 14.72
C ARG A 289 -22.96 -7.10 14.12
N PRO A 290 -23.77 -7.90 14.84
CA PRO A 290 -25.08 -8.29 14.32
C PRO A 290 -25.89 -7.05 13.92
N GLY A 291 -26.53 -7.10 12.75
CA GLY A 291 -27.36 -6.00 12.31
C GLY A 291 -26.64 -4.92 11.53
N THR A 292 -25.34 -5.11 11.28
CA THR A 292 -24.58 -4.16 10.46
C THR A 292 -23.98 -4.88 9.27
N ASN A 293 -23.33 -4.16 8.39
CA ASN A 293 -22.59 -4.79 7.30
C ASN A 293 -21.25 -5.38 7.76
N CYS A 294 -21.00 -5.37 9.06
CA CYS A 294 -19.75 -5.89 9.61
C CYS A 294 -18.51 -5.33 8.89
N MET A 295 -18.56 -4.04 8.55
CA MET A 295 -17.44 -3.36 7.94
C MET A 295 -17.25 -2.01 8.62
N ASN A 296 -15.99 -1.64 8.79
CA ASN A 296 -15.67 -0.32 9.32
C ASN A 296 -16.32 -0.02 10.66
N GLN A 297 -16.39 -1.04 11.51
CA GLN A 297 -16.86 -0.85 12.87
C GLN A 297 -15.78 -0.18 13.71
N PRO A 298 -16.20 0.61 14.71
CA PRO A 298 -15.22 1.34 15.53
C PRO A 298 -14.14 0.43 16.10
N GLU A 299 -14.53 -0.81 16.42
CA GLU A 299 -13.62 -1.77 17.01
C GLU A 299 -12.47 -2.18 16.09
N ALA A 300 -12.70 -2.13 14.78
CA ALA A 300 -11.61 -2.46 13.85
C ALA A 300 -10.46 -1.48 14.03
N HIS A 301 -10.78 -0.21 14.26
CA HIS A 301 -9.73 0.80 14.49
C HIS A 301 -9.08 0.62 15.85
N THR A 302 -9.87 0.27 16.85
CA THR A 302 -9.32 -0.01 18.16
C THR A 302 -8.30 -1.15 18.10
N ILE A 303 -8.59 -2.16 17.28
CA ILE A 303 -7.64 -3.26 17.08
C ILE A 303 -6.33 -2.74 16.46
N LEU A 304 -6.45 -1.87 15.46
CA LEU A 304 -5.26 -1.29 14.82
C LEU A 304 -4.48 -0.41 15.80
N VAL A 305 -5.19 0.34 16.62
CA VAL A 305 -4.55 1.10 17.70
C VAL A 305 -3.74 0.19 18.63
N ALA A 306 -4.35 -0.93 19.04
CA ALA A 306 -3.64 -1.88 19.91
C ALA A 306 -2.39 -2.47 19.24
N LEU A 307 -2.52 -2.91 17.98
CA LEU A 307 -1.36 -3.43 17.25
C LEU A 307 -0.29 -2.36 17.11
N ARG A 308 -0.69 -1.12 16.84
CA ARG A 308 0.29 -0.03 16.75
C ARG A 308 1.05 0.17 18.07
N ALA A 309 0.33 0.14 19.19
CA ALA A 309 0.96 0.28 20.51
C ALA A 309 1.94 -0.88 20.80
N VAL A 310 1.61 -2.08 20.36
CA VAL A 310 2.53 -3.21 20.50
C VAL A 310 3.82 -2.93 19.72
N ALA A 311 3.66 -2.49 18.48
CA ALA A 311 4.82 -2.12 17.68
C ALA A 311 5.58 -0.97 18.34
N ASP A 312 4.85 0.02 18.88
CA ASP A 312 5.50 1.16 19.53
C ASP A 312 6.40 0.70 20.69
N ILE A 313 5.98 -0.35 21.38
CA ILE A 313 6.73 -0.85 22.53
C ILE A 313 7.89 -1.77 22.13
N VAL A 314 7.64 -2.71 21.23
CA VAL A 314 8.64 -3.74 20.93
C VAL A 314 9.55 -3.42 19.74
N ALA A 315 8.99 -2.73 18.74
CA ALA A 315 9.70 -2.49 17.48
C ALA A 315 9.31 -1.17 16.86
N PRO A 316 9.71 -0.06 17.52
CA PRO A 316 9.25 1.28 17.15
C PRO A 316 9.70 1.75 15.77
N SER A 317 10.64 1.05 15.13
CA SER A 317 11.10 1.44 13.80
C SER A 317 10.19 0.89 12.70
N VAL A 318 9.22 0.07 13.10
CA VAL A 318 8.28 -0.56 12.16
C VAL A 318 7.16 0.40 11.74
N VAL A 319 6.68 0.24 10.50
CA VAL A 319 5.64 1.08 9.94
C VAL A 319 4.34 0.29 9.78
N MET A 320 3.21 0.86 10.21
CA MET A 320 1.90 0.25 10.03
C MET A 320 1.18 0.91 8.86
N LYS A 321 0.80 0.12 7.86
CA LYS A 321 0.20 0.66 6.64
C LYS A 321 -1.19 0.08 6.40
N ALA A 322 -2.19 0.94 6.24
CA ALA A 322 -3.54 0.48 5.89
C ALA A 322 -3.58 0.13 4.41
N GLU A 323 -4.06 -1.07 4.11
CA GLU A 323 -4.24 -1.49 2.73
C GLU A 323 -5.48 -0.84 2.09
N ALA A 324 -6.47 -0.54 2.93
CA ALA A 324 -7.79 -0.09 2.47
C ALA A 324 -7.80 0.77 1.19
N ILE A 325 -8.39 0.22 0.14
CA ILE A 325 -8.54 0.93 -1.13
C ILE A 325 -9.91 1.59 -1.16
N VAL A 326 -9.95 2.86 -0.77
CA VAL A 326 -11.22 3.55 -0.59
C VAL A 326 -11.04 5.02 -0.96
N PRO A 327 -12.16 5.73 -1.12
CA PRO A 327 -12.09 7.18 -1.35
C PRO A 327 -11.33 7.89 -0.24
N MET A 328 -10.51 8.86 -0.61
CA MET A 328 -9.65 9.52 0.37
C MET A 328 -10.41 10.04 1.58
N ALA A 329 -11.67 10.41 1.39
CA ALA A 329 -12.47 10.93 2.52
C ALA A 329 -12.67 9.87 3.62
N GLU A 330 -12.46 8.61 3.28
CA GLU A 330 -12.66 7.52 4.25
C GLU A 330 -11.35 7.07 4.94
N LEU A 331 -10.26 7.75 4.63
CA LEU A 331 -8.93 7.36 5.15
C LEU A 331 -8.50 7.96 6.50
N PRO A 332 -8.95 9.19 6.81
CA PRO A 332 -8.50 9.79 8.08
C PRO A 332 -8.68 8.91 9.33
N PRO A 333 -9.77 8.12 9.43
CA PRO A 333 -9.88 7.28 10.63
C PRO A 333 -8.69 6.33 10.80
N TYR A 334 -8.05 5.92 9.70
CA TYR A 334 -6.89 5.04 9.80
C TYR A 334 -5.66 5.67 10.46
N PHE A 335 -5.60 6.99 10.44
CA PHE A 335 -4.51 7.68 11.12
C PHE A 335 -4.82 7.83 12.61
N GLY A 336 -6.04 7.48 13.01
CA GLY A 336 -6.44 7.53 14.42
C GLY A 336 -7.39 8.68 14.74
N SER A 337 -8.34 8.44 15.65
CA SER A 337 -9.31 9.46 16.04
C SER A 337 -9.17 9.87 17.50
N GLY A 338 -9.45 11.13 17.79
CA GLY A 338 -9.36 11.63 19.16
C GLY A 338 -7.95 11.48 19.71
N VAL A 339 -7.84 10.97 20.93
CA VAL A 339 -6.53 10.78 21.55
C VAL A 339 -5.70 9.74 20.81
N GLN A 340 -6.33 9.00 19.89
CA GLN A 340 -5.61 7.98 19.13
C GLN A 340 -4.99 8.53 17.85
N ARG A 341 -5.31 9.77 17.52
CA ARG A 341 -4.76 10.41 16.33
C ARG A 341 -3.23 10.38 16.40
N GLY A 342 -2.59 9.90 15.34
CA GLY A 342 -1.14 9.72 15.35
C GLY A 342 -0.69 8.43 16.04
N HIS A 343 -1.64 7.60 16.44
CA HIS A 343 -1.32 6.36 17.15
C HIS A 343 -2.02 5.15 16.54
N GLU A 344 -2.20 5.16 15.23
CA GLU A 344 -2.80 4.02 14.53
C GLU A 344 -1.92 3.67 13.31
N CYS A 345 -2.40 3.90 12.09
CA CYS A 345 -1.54 3.63 10.92
C CYS A 345 -0.62 4.81 10.58
N HIS A 346 0.60 4.50 10.19
CA HIS A 346 1.54 5.51 9.69
C HIS A 346 1.23 5.90 8.26
N LEU A 347 0.79 4.94 7.46
CA LEU A 347 0.57 5.14 6.03
C LEU A 347 -0.80 4.67 5.55
N ALA A 348 -1.33 5.33 4.52
CA ALA A 348 -2.52 4.86 3.81
C ALA A 348 -2.35 5.17 2.32
N TYR A 349 -3.04 4.43 1.46
CA TYR A 349 -2.87 4.60 0.00
C TYR A 349 -3.73 5.73 -0.55
N HIS A 350 -3.16 6.56 -1.41
CA HIS A 350 -3.91 7.65 -2.01
C HIS A 350 -4.51 7.16 -3.34
N SER A 351 -5.46 6.23 -3.23
CA SER A 351 -6.12 5.66 -4.40
C SER A 351 -6.90 6.73 -5.16
N THR A 352 -7.43 7.70 -4.42
CA THR A 352 -8.17 8.78 -5.07
C THR A 352 -7.27 9.52 -6.06
N LEU A 353 -6.03 9.81 -5.63
CA LEU A 353 -5.11 10.53 -6.51
C LEU A 353 -4.72 9.67 -7.71
N MET A 354 -4.41 8.39 -7.45
CA MET A 354 -4.13 7.44 -8.51
C MET A 354 -5.22 7.46 -9.60
N ALA A 355 -6.45 7.22 -9.19
CA ALA A 355 -7.56 7.17 -10.16
C ALA A 355 -7.75 8.52 -10.85
N ALA A 356 -7.57 9.60 -10.11
CA ALA A 356 -7.72 10.94 -10.68
C ALA A 356 -6.66 11.24 -11.74
N GLY A 357 -5.46 10.68 -11.58
CA GLY A 357 -4.42 10.83 -12.58
C GLY A 357 -4.82 10.23 -13.92
N TRP A 358 -5.28 8.99 -13.91
CA TRP A 358 -5.76 8.32 -15.12
C TRP A 358 -6.96 9.02 -15.73
N SER A 359 -7.89 9.47 -14.88
CA SER A 359 -9.08 10.19 -15.35
C SER A 359 -8.68 11.50 -16.04
N ALA A 360 -7.82 12.26 -15.37
CA ALA A 360 -7.32 13.52 -15.90
C ALA A 360 -6.65 13.32 -17.26
N LEU A 361 -5.90 12.23 -17.37
CA LEU A 361 -5.20 11.92 -18.61
C LEU A 361 -6.18 11.60 -19.73
N ALA A 362 -7.13 10.71 -19.46
CA ALA A 362 -8.10 10.31 -20.48
C ALA A 362 -8.96 11.48 -20.95
N LEU A 363 -9.37 12.32 -20.02
CA LEU A 363 -10.27 13.44 -20.34
C LEU A 363 -9.53 14.74 -20.59
N GLN A 364 -8.20 14.69 -20.50
CA GLN A 364 -7.38 15.88 -20.66
C GLN A 364 -7.91 17.02 -19.76
N ARG A 365 -8.07 16.71 -18.48
CA ARG A 365 -8.58 17.65 -17.49
C ARG A 365 -7.76 17.63 -16.19
N GLY A 366 -6.77 18.52 -16.10
CA GLY A 366 -6.02 18.69 -14.88
C GLY A 366 -6.82 19.21 -13.72
N ASP A 367 -7.97 19.82 -13.99
CA ASP A 367 -8.81 20.35 -12.90
C ASP A 367 -9.35 19.25 -12.00
N ILE A 368 -9.48 18.04 -12.53
CA ILE A 368 -9.87 16.89 -11.70
C ILE A 368 -8.81 16.66 -10.61
N LEU A 369 -7.53 16.74 -10.97
CA LEU A 369 -6.45 16.62 -10.00
C LEU A 369 -6.39 17.80 -9.05
N GLN A 370 -6.60 19.00 -9.57
CA GLN A 370 -6.60 20.18 -8.72
C GLN A 370 -7.58 19.97 -7.56
N ASP A 371 -8.79 19.53 -7.90
CA ASP A 371 -9.82 19.30 -6.91
C ASP A 371 -9.40 18.24 -5.89
N VAL A 372 -8.82 17.15 -6.36
CA VAL A 372 -8.38 16.09 -5.45
C VAL A 372 -7.36 16.62 -4.44
N ILE A 373 -6.35 17.33 -4.92
CA ILE A 373 -5.33 17.90 -4.02
C ILE A 373 -5.94 18.92 -3.05
N ALA A 374 -6.80 19.80 -3.56
CA ALA A 374 -7.44 20.81 -2.72
C ALA A 374 -8.21 20.20 -1.54
N HIS A 375 -8.74 18.99 -1.69
CA HIS A 375 -9.54 18.34 -0.64
C HIS A 375 -8.89 17.12 0.01
N SER A 376 -7.61 16.89 -0.26
CA SER A 376 -6.88 15.78 0.38
C SER A 376 -6.84 16.00 1.88
N PRO A 377 -7.20 14.96 2.65
CA PRO A 377 -7.19 15.08 4.12
C PRO A 377 -5.82 15.51 4.63
N PRO A 378 -5.78 16.41 5.62
CA PRO A 378 -4.49 16.78 6.24
C PRO A 378 -3.86 15.57 6.95
N LEU A 379 -2.54 15.44 6.84
CA LEU A 379 -1.81 14.34 7.47
C LEU A 379 -1.41 14.72 8.89
N PRO A 380 -1.79 13.89 9.89
CA PRO A 380 -1.28 14.07 11.24
C PRO A 380 0.23 13.87 11.29
N PRO A 381 0.86 14.32 12.39
CA PRO A 381 2.30 14.07 12.53
C PRO A 381 2.59 12.58 12.41
N ASN A 382 3.75 12.24 11.83
CA ASN A 382 4.14 10.86 11.64
C ASN A 382 3.16 10.03 10.82
N CYS A 383 2.49 10.68 9.88
CA CYS A 383 1.60 10.02 8.93
C CYS A 383 1.91 10.53 7.52
N ALA A 384 1.66 9.70 6.52
CA ALA A 384 1.90 10.11 5.14
C ALA A 384 1.12 9.22 4.18
N TRP A 385 1.19 9.53 2.88
CA TRP A 385 0.52 8.73 1.85
C TRP A 385 1.47 7.78 1.14
N LEU A 386 0.94 6.67 0.64
CA LEU A 386 1.58 5.95 -0.45
C LEU A 386 0.92 6.49 -1.69
N SER A 387 1.70 7.04 -2.60
CA SER A 387 1.14 7.47 -3.88
C SER A 387 1.62 6.48 -4.93
N TYR A 388 0.75 6.17 -5.89
CA TYR A 388 1.03 5.14 -6.87
C TYR A 388 0.28 5.38 -8.18
N VAL A 389 0.70 4.69 -9.22
CA VAL A 389 0.11 4.83 -10.54
C VAL A 389 -0.60 3.54 -10.92
N ARG A 390 0.06 2.41 -10.69
CA ARG A 390 -0.57 1.11 -10.84
C ARG A 390 -0.20 0.17 -9.70
N CYS A 391 -0.78 -1.03 -9.72
CA CYS A 391 -0.53 -2.03 -8.71
C CYS A 391 -0.96 -3.41 -9.21
N HIS A 392 -0.89 -4.40 -8.34
CA HIS A 392 -1.19 -5.77 -8.75
C HIS A 392 -2.67 -5.98 -9.06
N ASP A 393 -3.51 -5.05 -8.59
CA ASP A 393 -4.94 -5.15 -8.83
C ASP A 393 -5.37 -4.26 -9.98
N ASP A 394 -6.62 -4.42 -10.41
CA ASP A 394 -7.21 -3.53 -11.39
C ASP A 394 -7.32 -2.12 -10.82
N ILE A 395 -7.41 -1.14 -11.71
CA ILE A 395 -7.76 0.22 -11.31
C ILE A 395 -9.22 0.27 -10.87
N GLY A 396 -9.44 0.60 -9.62
CA GLY A 396 -10.80 0.73 -9.09
C GLY A 396 -11.23 2.17 -9.24
N TRP A 397 -12.11 2.41 -10.21
CA TRP A 397 -12.58 3.76 -10.49
C TRP A 397 -13.51 4.30 -9.42
N ASN A 398 -14.13 3.39 -8.67
CA ASN A 398 -15.14 3.74 -7.67
C ASN A 398 -14.68 4.74 -6.60
N VAL A 399 -13.39 4.76 -6.31
CA VAL A 399 -12.88 5.68 -5.30
C VAL A 399 -13.17 7.12 -5.70
N LEU A 400 -13.46 7.34 -6.98
CA LEU A 400 -13.58 8.68 -7.53
C LEU A 400 -15.05 9.04 -7.79
N GLN A 401 -15.96 8.25 -7.22
CA GLN A 401 -17.39 8.46 -7.41
C GLN A 401 -17.83 9.86 -7.01
N HIS A 402 -17.37 10.30 -5.85
CA HIS A 402 -17.71 11.60 -5.30
C HIS A 402 -17.28 12.75 -6.21
N GLU A 403 -16.04 12.69 -6.70
CA GLU A 403 -15.54 13.74 -7.58
C GLU A 403 -16.23 13.74 -8.94
N ALA A 404 -16.65 12.56 -9.39
CA ALA A 404 -17.24 12.44 -10.72
C ALA A 404 -18.61 13.10 -10.79
N ALA A 405 -19.29 13.15 -9.65
CA ALA A 405 -20.59 13.80 -9.55
C ALA A 405 -20.43 15.30 -9.77
N GLY A 406 -19.22 15.80 -9.51
CA GLY A 406 -18.91 17.20 -9.69
C GLY A 406 -19.61 18.10 -8.70
N THR A 407 -19.42 19.41 -8.88
CA THR A 407 -20.10 20.42 -8.08
C THR A 407 -20.51 21.59 -8.96
N ALA A 408 -20.99 22.67 -8.33
CA ALA A 408 -21.34 23.89 -9.06
C ALA A 408 -20.10 24.56 -9.64
N ALA A 409 -18.97 24.39 -8.95
CA ALA A 409 -17.69 24.96 -9.39
C ALA A 409 -16.85 23.94 -10.16
N GLN A 410 -17.21 22.66 -10.06
CA GLN A 410 -16.48 21.59 -10.73
C GLN A 410 -17.39 20.75 -11.61
N PRO A 411 -17.14 20.74 -12.93
CA PRO A 411 -17.97 19.97 -13.86
C PRO A 411 -17.79 18.48 -13.61
N PRO A 412 -18.89 17.72 -13.69
CA PRO A 412 -18.84 16.27 -13.52
C PRO A 412 -18.06 15.59 -14.64
N PHE A 413 -17.74 14.32 -14.45
CA PHE A 413 -17.19 13.49 -15.51
C PHE A 413 -17.73 12.07 -15.39
N SER A 414 -17.56 11.30 -16.45
CA SER A 414 -18.12 9.97 -16.54
C SER A 414 -17.05 8.89 -16.29
N LEU A 415 -17.20 8.14 -15.20
CA LEU A 415 -16.27 7.06 -14.88
C LEU A 415 -16.38 5.91 -15.89
N ARG A 416 -17.58 5.66 -16.41
CA ARG A 416 -17.73 4.65 -17.44
C ARG A 416 -17.04 5.05 -18.73
N GLU A 417 -17.07 6.35 -19.05
CA GLU A 417 -16.35 6.84 -20.21
C GLU A 417 -14.83 6.65 -20.05
N VAL A 418 -14.34 6.90 -18.84
CA VAL A 418 -12.90 6.73 -18.59
C VAL A 418 -12.53 5.26 -18.70
N ALA A 419 -13.32 4.40 -18.07
CA ALA A 419 -13.06 2.97 -18.09
C ALA A 419 -13.11 2.40 -19.50
N GLN A 420 -14.08 2.85 -20.30
CA GLN A 420 -14.20 2.33 -21.66
C GLN A 420 -13.02 2.80 -22.52
N PHE A 421 -12.55 4.02 -22.25
CA PHE A 421 -11.36 4.52 -22.95
C PHE A 421 -10.20 3.58 -22.74
N TYR A 422 -9.91 3.30 -21.48
CA TYR A 422 -8.76 2.46 -21.14
C TYR A 422 -8.91 1.00 -21.57
N ALA A 423 -10.14 0.53 -21.74
CA ALA A 423 -10.36 -0.82 -22.25
C ALA A 423 -10.42 -0.86 -23.79
N ASN A 424 -10.12 0.27 -24.42
CA ASN A 424 -10.13 0.37 -25.88
C ASN A 424 -11.50 0.00 -26.45
N ALA A 425 -12.56 0.48 -25.81
CA ALA A 425 -13.92 0.11 -26.20
C ALA A 425 -14.51 1.18 -27.11
N VAL A 426 -13.78 2.27 -27.29
CA VAL A 426 -14.19 3.32 -28.20
C VAL A 426 -13.14 3.49 -29.29
N PRO A 427 -13.58 3.50 -30.55
CA PRO A 427 -12.64 3.67 -31.68
C PRO A 427 -11.69 4.85 -31.45
N GLY A 428 -10.45 4.69 -31.92
CA GLY A 428 -9.47 5.74 -31.82
C GLY A 428 -8.55 5.71 -30.60
N SER A 429 -9.00 5.09 -29.51
CA SER A 429 -8.25 5.12 -28.25
C SER A 429 -6.82 4.58 -28.36
N TYR A 430 -5.89 5.21 -27.66
CA TYR A 430 -4.52 4.72 -27.63
C TYR A 430 -4.26 3.64 -26.56
N ALA A 431 -5.20 3.47 -25.64
CA ALA A 431 -5.03 2.54 -24.53
C ALA A 431 -5.28 1.09 -24.94
N ARG A 432 -4.57 0.16 -24.29
CA ARG A 432 -4.80 -1.27 -24.51
C ARG A 432 -4.95 -2.02 -23.19
N GLY A 433 -5.80 -1.50 -22.32
CA GLY A 433 -6.15 -2.23 -21.10
C GLY A 433 -7.32 -3.14 -21.37
N GLU A 434 -7.84 -3.76 -20.32
CA GLU A 434 -9.04 -4.59 -20.46
C GLU A 434 -9.94 -4.40 -19.24
N SER A 435 -11.25 -4.52 -19.46
CA SER A 435 -12.19 -4.37 -18.37
C SER A 435 -12.12 -5.61 -17.50
N PHE A 436 -12.29 -5.41 -16.19
CA PHE A 436 -12.21 -6.50 -15.24
C PHE A 436 -13.55 -7.21 -15.13
N GLN A 437 -13.56 -8.51 -15.45
CA GLN A 437 -14.77 -9.33 -15.38
C GLN A 437 -16.08 -8.54 -15.32
N VAL A 443 -19.39 0.49 -12.07
CA VAL A 443 -18.32 0.59 -13.07
C VAL A 443 -17.23 -0.43 -12.78
N HIS A 444 -16.83 -1.18 -13.80
CA HIS A 444 -15.85 -2.23 -13.64
C HIS A 444 -14.43 -1.67 -13.71
N GLY A 445 -13.56 -2.19 -12.86
CA GLY A 445 -12.16 -1.80 -12.86
C GLY A 445 -11.46 -2.12 -14.17
N THR A 446 -10.24 -1.63 -14.31
CA THR A 446 -9.48 -1.77 -15.54
C THR A 446 -8.16 -2.51 -15.29
N ASN A 447 -7.93 -3.60 -16.02
CA ASN A 447 -6.64 -4.31 -15.98
C ASN A 447 -5.70 -3.79 -17.05
N GLY A 448 -4.40 -3.94 -16.81
CA GLY A 448 -3.39 -3.55 -17.77
C GLY A 448 -2.19 -2.86 -17.15
N MET A 449 -1.05 -2.92 -17.84
CA MET A 449 0.16 -2.22 -17.39
C MET A 449 0.12 -0.75 -17.79
N SER A 450 0.82 0.08 -17.02
CA SER A 450 0.90 1.51 -17.31
C SER A 450 1.21 1.79 -18.77
N ALA A 451 2.21 1.09 -19.30
CA ALA A 451 2.67 1.30 -20.67
C ALA A 451 1.58 1.00 -21.69
N ALA A 452 0.80 -0.06 -21.46
CA ALA A 452 -0.27 -0.40 -22.38
C ALA A 452 -1.40 0.61 -22.25
N LEU A 453 -1.56 1.15 -21.05
CA LEU A 453 -2.62 2.12 -20.79
C LEU A 453 -2.35 3.51 -21.40
N VAL A 454 -1.08 3.93 -21.44
CA VAL A 454 -0.73 5.28 -21.93
C VAL A 454 -0.45 5.34 -23.44
N GLY A 455 -0.44 4.19 -24.11
CA GLY A 455 -0.35 4.18 -25.56
C GLY A 455 0.86 3.52 -26.20
N VAL A 456 1.72 2.90 -25.41
CA VAL A 456 2.93 2.29 -25.97
C VAL A 456 2.60 1.12 -26.89
N GLN A 457 1.75 0.21 -26.42
CA GLN A 457 1.33 -0.95 -27.21
C GLN A 457 0.70 -0.50 -28.54
N ALA A 458 -0.24 0.43 -28.46
CA ALA A 458 -0.91 0.92 -29.65
C ALA A 458 0.08 1.60 -30.61
N ALA A 459 1.02 2.36 -30.06
CA ALA A 459 2.05 2.99 -30.89
C ALA A 459 2.88 1.94 -31.64
N HIS A 460 3.21 0.84 -30.97
CA HIS A 460 3.93 -0.25 -31.60
C HIS A 460 3.08 -0.93 -32.68
N GLU A 461 1.83 -1.27 -32.34
CA GLU A 461 0.92 -1.87 -33.30
C GLU A 461 0.86 -1.09 -34.60
N HIS A 462 1.00 0.24 -34.50
CA HIS A 462 0.90 1.13 -35.65
C HIS A 462 2.27 1.54 -36.18
N ALA A 463 3.32 0.93 -35.66
CA ALA A 463 4.68 1.30 -36.03
C ALA A 463 4.81 2.82 -36.07
N ASP A 464 4.38 3.47 -34.99
CA ASP A 464 4.37 4.93 -34.91
C ASP A 464 5.33 5.44 -33.83
N ALA A 465 6.45 6.01 -34.28
CA ALA A 465 7.50 6.50 -33.37
C ALA A 465 7.07 7.75 -32.60
N ALA A 466 6.32 8.61 -33.26
CA ALA A 466 5.79 9.82 -32.63
C ALA A 466 4.79 9.46 -31.53
N ALA A 467 3.91 8.51 -31.82
CA ALA A 467 2.89 8.09 -30.88
C ALA A 467 3.49 7.38 -29.67
N ALA A 468 4.59 6.65 -29.90
CA ALA A 468 5.28 5.99 -28.80
C ALA A 468 5.91 7.03 -27.88
N ALA A 469 6.46 8.08 -28.48
CA ALA A 469 7.08 9.15 -27.70
C ALA A 469 6.06 9.92 -26.86
N ARG A 470 4.86 10.12 -27.40
CA ARG A 470 3.81 10.79 -26.63
C ARG A 470 3.34 9.91 -25.47
N ALA A 471 3.33 8.60 -25.69
CA ALA A 471 2.95 7.64 -24.64
C ALA A 471 3.92 7.73 -23.47
N VAL A 472 5.21 7.72 -23.78
CA VAL A 472 6.24 7.90 -22.76
C VAL A 472 6.02 9.18 -21.98
N ASP A 473 5.72 10.27 -22.68
CA ASP A 473 5.42 11.54 -21.99
C ASP A 473 4.31 11.35 -20.96
N ARG A 474 3.25 10.64 -21.34
CA ARG A 474 2.12 10.40 -20.44
C ARG A 474 2.51 9.56 -19.22
N LEU A 475 3.32 8.54 -19.44
CA LEU A 475 3.77 7.69 -18.33
C LEU A 475 4.56 8.51 -17.30
N VAL A 476 5.53 9.26 -17.80
CA VAL A 476 6.38 10.09 -16.94
C VAL A 476 5.52 11.13 -16.21
N LEU A 477 4.53 11.69 -16.90
CA LEU A 477 3.64 12.68 -16.29
C LEU A 477 2.89 12.10 -15.09
N LEU A 478 2.35 10.89 -15.23
CA LEU A 478 1.59 10.26 -14.14
C LEU A 478 2.51 10.01 -12.96
N TYR A 479 3.72 9.54 -13.22
CA TYR A 479 4.67 9.28 -12.15
C TYR A 479 5.16 10.56 -11.45
N ALA A 480 5.38 11.60 -12.25
CA ALA A 480 5.73 12.92 -11.71
C ALA A 480 4.75 13.36 -10.62
N VAL A 481 3.45 13.21 -10.88
CA VAL A 481 2.46 13.56 -9.87
C VAL A 481 2.68 12.81 -8.55
N SER A 482 2.82 11.48 -8.64
CA SER A 482 3.12 10.65 -7.46
C SER A 482 4.37 11.09 -6.72
N LEU A 483 5.41 11.37 -7.49
CA LEU A 483 6.73 11.68 -6.93
C LEU A 483 6.74 12.99 -6.15
N ALA A 484 5.77 13.87 -6.39
CA ALA A 484 5.75 15.15 -5.68
C ALA A 484 5.00 15.07 -4.34
N MET A 485 4.41 13.91 -4.06
CA MET A 485 3.54 13.75 -2.89
C MET A 485 4.29 13.53 -1.58
N PRO A 486 3.65 13.88 -0.45
CA PRO A 486 4.22 13.63 0.88
C PRO A 486 4.05 12.18 1.28
N GLY A 487 5.14 11.41 1.25
CA GLY A 487 5.08 10.02 1.69
C GLY A 487 6.00 9.13 0.88
N VAL A 488 5.47 7.98 0.45
CA VAL A 488 6.23 7.05 -0.36
C VAL A 488 5.59 6.90 -1.75
N PRO A 489 6.24 7.46 -2.79
CA PRO A 489 5.72 7.15 -4.14
C PRO A 489 6.17 5.75 -4.51
N LEU A 490 5.24 4.95 -5.02
CA LEU A 490 5.45 3.52 -5.15
C LEU A 490 5.42 3.11 -6.63
N ILE A 491 6.57 2.70 -7.17
CA ILE A 491 6.64 2.21 -8.55
C ILE A 491 6.21 0.76 -8.62
N TYR A 492 5.25 0.46 -9.50
CA TYR A 492 4.85 -0.93 -9.75
C TYR A 492 5.86 -1.60 -10.67
N MET A 493 6.28 -2.82 -10.33
CA MET A 493 7.42 -3.49 -10.96
C MET A 493 7.41 -3.44 -12.48
N GLY A 494 8.47 -2.85 -13.06
CA GLY A 494 8.58 -2.82 -14.50
C GLY A 494 8.06 -1.57 -15.16
N ASP A 495 7.29 -0.75 -14.44
CA ASP A 495 6.88 0.53 -15.00
C ASP A 495 8.08 1.40 -15.35
N GLU A 496 9.16 1.25 -14.58
CA GLU A 496 10.38 2.03 -14.82
C GLU A 496 11.06 1.67 -16.16
N LEU A 497 10.55 0.62 -16.78
CA LEU A 497 11.07 0.16 -18.08
C LEU A 497 9.95 0.13 -19.10
N ALA A 498 8.77 0.59 -18.70
CA ALA A 498 7.59 0.52 -19.55
C ALA A 498 7.30 -0.93 -19.97
N LEU A 499 7.35 -1.86 -19.01
CA LEU A 499 7.05 -3.26 -19.29
C LEU A 499 5.62 -3.38 -19.83
N PRO A 500 5.44 -4.22 -20.87
CA PRO A 500 4.12 -4.37 -21.50
C PRO A 500 3.23 -5.40 -20.80
N ASN A 501 1.97 -5.42 -21.22
CA ASN A 501 1.01 -6.44 -20.77
C ASN A 501 1.56 -7.83 -21.01
N ASP A 502 1.07 -8.79 -20.22
CA ASP A 502 1.38 -10.19 -20.44
C ASP A 502 0.10 -10.97 -20.75
N THR A 503 0.00 -11.50 -21.96
CA THR A 503 -1.22 -12.21 -22.37
C THR A 503 -1.11 -13.73 -22.29
N ALA A 504 0.06 -14.23 -21.92
CA ALA A 504 0.29 -15.68 -21.87
C ALA A 504 -0.66 -16.39 -20.91
N TYR A 505 -1.20 -15.68 -19.93
CA TYR A 505 -2.06 -16.29 -18.92
C TYR A 505 -3.37 -16.86 -19.51
N LEU A 506 -3.78 -16.33 -20.67
CA LEU A 506 -4.98 -16.81 -21.35
C LEU A 506 -4.85 -18.27 -21.76
N ASP A 507 -3.61 -18.72 -21.94
CA ASP A 507 -3.33 -20.07 -22.39
C ASP A 507 -3.04 -21.00 -21.22
N ASP A 508 -3.22 -20.48 -20.01
CA ASP A 508 -2.95 -21.25 -18.80
C ASP A 508 -4.27 -21.60 -18.12
N ALA A 509 -4.61 -22.89 -18.16
CA ALA A 509 -5.88 -23.37 -17.63
C ALA A 509 -6.12 -22.89 -16.20
N GLN A 510 -5.05 -22.78 -15.43
CA GLN A 510 -5.15 -22.37 -14.04
C GLN A 510 -5.31 -20.85 -13.84
N ARG A 511 -4.83 -20.07 -14.79
CA ARG A 511 -4.80 -18.61 -14.61
C ARG A 511 -5.76 -17.83 -15.51
N ARG A 512 -6.29 -18.47 -16.54
CA ARG A 512 -7.08 -17.77 -17.56
C ARG A 512 -8.33 -17.10 -16.98
N HIS A 513 -8.82 -17.63 -15.86
CA HIS A 513 -10.01 -17.06 -15.24
C HIS A 513 -9.71 -15.72 -14.58
N GLU A 514 -8.43 -15.46 -14.31
CA GLU A 514 -8.00 -14.29 -13.54
C GLU A 514 -7.40 -13.19 -14.42
N GLY A 515 -8.21 -12.20 -14.79
CA GLY A 515 -7.78 -11.17 -15.72
C GLY A 515 -6.63 -10.29 -15.25
N ARG A 516 -6.40 -10.23 -13.94
CA ARG A 516 -5.35 -9.36 -13.40
C ARG A 516 -3.94 -9.82 -13.81
N TRP A 517 -3.84 -11.05 -14.32
CA TRP A 517 -2.56 -11.56 -14.79
C TRP A 517 -2.02 -10.73 -15.94
N LEU A 518 -2.93 -10.05 -16.64
CA LEU A 518 -2.54 -9.15 -17.72
C LEU A 518 -1.43 -8.20 -17.26
N HIS A 519 -1.56 -7.69 -16.04
CA HIS A 519 -0.58 -6.74 -15.52
C HIS A 519 0.28 -7.29 -14.38
N ARG A 520 0.57 -8.60 -14.42
CA ARG A 520 1.48 -9.22 -13.46
C ARG A 520 2.57 -10.01 -14.22
N PRO A 521 3.31 -9.33 -15.10
CA PRO A 521 4.34 -9.99 -15.89
C PRO A 521 5.57 -10.31 -15.06
N ALA A 522 6.39 -11.24 -15.54
CA ALA A 522 7.71 -11.47 -14.98
C ALA A 522 8.62 -10.31 -15.37
N MET A 523 9.58 -9.98 -14.51
CA MET A 523 10.57 -8.98 -14.86
C MET A 523 11.42 -9.50 -16.02
N ALA A 524 11.56 -8.69 -17.06
CA ALA A 524 12.40 -9.05 -18.18
C ALA A 524 13.76 -8.41 -17.97
N TRP A 525 14.72 -9.20 -17.52
CA TRP A 525 16.02 -8.64 -17.15
C TRP A 525 16.84 -8.17 -18.35
N GLU A 526 16.47 -8.63 -19.54
CA GLU A 526 17.14 -8.16 -20.76
C GLU A 526 16.72 -6.73 -21.12
N LEU A 527 15.49 -6.36 -20.75
CA LEU A 527 15.04 -4.98 -20.94
C LEU A 527 15.64 -4.11 -19.84
N ALA A 528 15.75 -4.65 -18.64
CA ALA A 528 16.39 -3.93 -17.53
C ALA A 528 17.83 -3.56 -17.89
N ALA A 529 18.47 -4.41 -18.70
CA ALA A 529 19.86 -4.18 -19.08
C ALA A 529 20.00 -3.02 -20.04
N GLN A 530 18.88 -2.56 -20.59
CA GLN A 530 18.84 -1.47 -21.56
C GLN A 530 18.50 -0.12 -20.92
N ARG A 531 18.38 -0.07 -19.60
CA ARG A 531 17.84 1.11 -18.93
C ARG A 531 18.71 2.36 -19.05
N HIS A 532 19.95 2.21 -19.47
CA HIS A 532 20.82 3.37 -19.67
C HIS A 532 21.02 3.70 -21.14
N ASP A 533 20.36 2.93 -22.00
CA ASP A 533 20.43 3.15 -23.43
C ASP A 533 19.31 4.09 -23.87
N ALA A 534 19.66 5.35 -24.11
CA ALA A 534 18.68 6.39 -24.44
C ALA A 534 17.91 6.11 -25.72
N SER A 535 18.40 5.17 -26.51
CA SER A 535 17.81 4.88 -27.82
C SER A 535 16.79 3.74 -27.72
N THR A 536 16.53 3.30 -26.49
CA THR A 536 15.52 2.27 -26.26
C THR A 536 14.36 2.83 -25.45
N LEU A 537 13.25 2.11 -25.51
CA LEU A 537 12.07 2.45 -24.73
C LEU A 537 12.39 2.37 -23.25
N ALA A 538 12.94 1.23 -22.83
CA ALA A 538 13.32 1.04 -21.44
C ALA A 538 14.24 2.15 -20.95
N GLY A 539 15.21 2.52 -21.77
CA GLY A 539 16.19 3.53 -21.39
C GLY A 539 15.62 4.93 -21.31
N THR A 540 14.73 5.27 -22.24
CA THR A 540 14.11 6.59 -22.22
C THR A 540 13.26 6.76 -20.97
N VAL A 541 12.42 5.77 -20.67
CA VAL A 541 11.56 5.85 -19.48
C VAL A 541 12.38 5.89 -18.19
N TYR A 542 13.29 4.93 -18.03
CA TYR A 542 14.09 4.84 -16.82
C TYR A 542 14.86 6.13 -16.57
N THR A 543 15.51 6.67 -17.61
CA THR A 543 16.30 7.89 -17.45
C THR A 543 15.46 9.09 -17.03
N ARG A 544 14.26 9.21 -17.59
CA ARG A 544 13.40 10.36 -17.28
C ARG A 544 12.83 10.26 -15.87
N LEU A 545 12.50 9.04 -15.44
CA LEU A 545 12.06 8.84 -14.06
C LEU A 545 13.19 9.13 -13.08
N ARG A 546 14.40 8.66 -13.40
CA ARG A 546 15.56 8.88 -12.53
C ARG A 546 15.83 10.36 -12.31
N ALA A 547 15.61 11.15 -13.35
CA ALA A 547 15.79 12.59 -13.25
C ALA A 547 14.89 13.16 -12.17
N LEU A 548 13.62 12.77 -12.17
CA LEU A 548 12.69 13.24 -11.15
C LEU A 548 13.01 12.69 -9.75
N ILE A 549 13.36 11.42 -9.67
CA ILE A 549 13.68 10.80 -8.38
C ILE A 549 14.90 11.49 -7.74
N ARG A 550 15.90 11.75 -8.56
CA ARG A 550 17.11 12.42 -8.10
C ARG A 550 16.75 13.81 -7.56
N LEU A 551 15.93 14.55 -8.29
CA LEU A 551 15.53 15.88 -7.82
C LEU A 551 14.74 15.80 -6.52
N ARG A 552 13.77 14.87 -6.50
CA ARG A 552 12.95 14.66 -5.32
C ARG A 552 13.80 14.44 -4.07
N ALA A 553 14.83 13.61 -4.19
CA ALA A 553 15.68 13.28 -3.07
C ALA A 553 16.43 14.49 -2.50
N GLY A 554 16.67 15.50 -3.34
CA GLY A 554 17.37 16.69 -2.92
C GLY A 554 16.48 17.86 -2.53
N LEU A 555 15.17 17.61 -2.43
CA LEU A 555 14.22 18.66 -2.07
C LEU A 555 13.53 18.40 -0.72
N PRO A 556 14.03 19.03 0.35
CA PRO A 556 13.40 18.96 1.68
C PRO A 556 11.93 19.38 1.66
N ALA A 557 11.53 20.21 0.70
CA ALA A 557 10.15 20.65 0.59
C ALA A 557 9.18 19.50 0.35
N LEU A 558 9.70 18.38 -0.17
CA LEU A 558 8.86 17.24 -0.54
C LEU A 558 8.66 16.26 0.61
N ALA A 559 9.40 16.44 1.70
CA ALA A 559 9.23 15.61 2.88
C ALA A 559 7.78 15.66 3.38
N ALA A 560 7.33 14.59 4.03
CA ALA A 560 5.93 14.45 4.43
C ALA A 560 5.49 15.46 5.49
N THR A 561 6.45 16.08 6.15
CA THR A 561 6.18 17.13 7.15
C THR A 561 5.77 18.46 6.53
N GLN A 562 5.98 18.61 5.23
CA GLN A 562 5.73 19.88 4.56
C GLN A 562 4.36 19.89 3.91
N SER A 563 3.76 21.06 3.80
CA SER A 563 2.40 21.18 3.31
C SER A 563 2.26 20.68 1.88
N LEU A 564 1.01 20.36 1.54
CA LEU A 564 0.60 20.02 0.19
C LEU A 564 -0.58 20.92 -0.18
N GLY A 565 -0.45 21.66 -1.27
CA GLY A 565 -1.51 22.54 -1.69
C GLY A 565 -1.74 22.51 -3.18
N SER A 566 -2.88 23.04 -3.61
CA SER A 566 -3.10 23.15 -5.04
C SER A 566 -3.25 24.61 -5.41
N VAL A 567 -2.93 24.92 -6.66
CA VAL A 567 -3.03 26.28 -7.16
C VAL A 567 -3.97 26.22 -8.34
N ALA A 568 -5.15 26.82 -8.18
CA ALA A 568 -6.10 26.90 -9.28
C ALA A 568 -5.52 27.72 -10.42
N LEU A 569 -5.59 27.17 -11.63
CA LEU A 569 -5.19 27.89 -12.83
C LEU A 569 -6.43 28.02 -13.71
N GLY A 570 -6.44 29.06 -14.55
CA GLY A 570 -7.61 29.35 -15.36
C GLY A 570 -7.98 28.27 -16.35
N ASP A 571 -7.02 27.45 -16.75
CA ASP A 571 -7.26 26.47 -17.80
C ASP A 571 -7.45 25.09 -17.19
N ALA A 572 -8.55 24.43 -17.56
CA ALA A 572 -8.88 23.13 -16.96
C ALA A 572 -7.92 22.03 -17.39
N ARG A 573 -7.11 22.31 -18.40
CA ARG A 573 -6.15 21.34 -18.90
C ARG A 573 -4.92 21.27 -17.98
N LEU A 574 -4.72 22.30 -17.17
CA LEU A 574 -3.53 22.41 -16.34
C LEU A 574 -3.77 21.95 -14.90
N PHE A 575 -2.69 21.63 -14.20
CA PHE A 575 -2.76 21.18 -12.82
C PHE A 575 -1.50 21.64 -12.09
N ALA A 576 -1.67 22.35 -10.99
CA ALA A 576 -0.52 22.84 -10.23
C ALA A 576 -0.60 22.50 -8.75
N LEU A 577 0.47 21.93 -8.20
CA LEU A 577 0.50 21.71 -6.76
C LEU A 577 1.76 22.30 -6.16
N THR A 578 1.66 22.70 -4.90
CA THR A 578 2.79 23.25 -4.18
C THR A 578 3.19 22.31 -3.04
N ARG A 579 4.46 22.29 -2.71
CA ARG A 579 4.93 21.61 -1.51
C ARG A 579 5.68 22.62 -0.66
N GLY A 580 5.27 22.75 0.60
CA GLY A 580 5.83 23.75 1.47
C GLY A 580 5.65 25.11 0.83
N ASP A 581 6.59 26.01 1.09
CA ASP A 581 6.55 27.35 0.51
C ASP A 581 7.63 27.59 -0.54
N SER A 582 8.31 26.53 -0.97
CA SER A 582 9.46 26.72 -1.87
C SER A 582 9.44 25.82 -3.10
N PHE A 583 8.37 25.05 -3.27
CA PHE A 583 8.31 24.11 -4.39
C PHE A 583 6.97 24.21 -5.12
N LEU A 584 7.02 24.16 -6.44
CA LEU A 584 5.80 24.21 -7.24
C LEU A 584 5.96 23.28 -8.41
N ALA A 585 4.93 22.49 -8.69
CA ALA A 585 4.96 21.60 -9.83
C ALA A 585 3.76 21.91 -10.72
N VAL A 586 4.04 22.17 -11.99
CA VAL A 586 2.99 22.49 -12.94
C VAL A 586 2.90 21.42 -14.01
N HIS A 587 1.68 21.02 -14.37
CA HIS A 587 1.46 19.95 -15.31
C HIS A 587 0.48 20.35 -16.40
N ASN A 588 0.73 19.87 -17.61
CA ASN A 588 -0.20 20.01 -18.71
C ASN A 588 -0.80 18.65 -19.04
N PHE A 589 -2.09 18.45 -18.73
CA PHE A 589 -2.70 17.15 -19.03
C PHE A 589 -3.36 17.07 -20.42
N SER A 590 -2.98 17.97 -21.33
CA SER A 590 -3.50 17.95 -22.69
C SER A 590 -2.39 17.75 -23.73
N ASP A 591 -2.80 17.60 -25.00
CA ASP A 591 -1.83 17.45 -26.08
C ASP A 591 -1.51 18.78 -26.76
N VAL A 592 -1.90 19.88 -26.11
CA VAL A 592 -1.65 21.23 -26.63
C VAL A 592 -0.64 21.97 -25.75
N PRO A 593 0.40 22.57 -26.36
CA PRO A 593 1.33 23.39 -25.55
C PRO A 593 0.62 24.59 -24.95
N LEU A 594 0.83 24.85 -23.67
CA LEU A 594 0.09 25.89 -22.97
C LEU A 594 1.02 26.77 -22.14
N PRO A 595 0.81 28.09 -22.18
CA PRO A 595 1.58 29.04 -21.38
C PRO A 595 1.05 29.19 -19.95
N VAL A 596 1.93 29.50 -19.01
CA VAL A 596 1.51 29.84 -17.65
C VAL A 596 2.25 31.10 -17.18
N ASP A 597 1.48 32.07 -16.69
CA ASP A 597 2.05 33.30 -16.15
C ASP A 597 2.28 33.09 -14.66
N LEU A 598 3.54 32.91 -14.27
CA LEU A 598 3.87 32.61 -12.88
C LEU A 598 3.49 33.73 -11.90
N THR A 599 3.57 34.98 -12.36
CA THR A 599 3.24 36.10 -11.48
C THR A 599 1.79 36.03 -10.98
N GLN A 600 0.92 35.43 -11.76
CA GLN A 600 -0.49 35.37 -11.40
C GLN A 600 -0.71 34.67 -10.05
N THR A 601 0.23 33.80 -9.68
CA THR A 601 0.08 33.01 -8.47
C THR A 601 1.20 33.21 -7.46
N GLY A 602 1.92 34.33 -7.59
CA GLY A 602 2.99 34.68 -6.67
C GLY A 602 4.23 33.83 -6.79
N HIS A 603 4.48 33.30 -7.98
CA HIS A 603 5.64 32.43 -8.20
C HIS A 603 6.63 33.02 -9.19
N ALA A 604 6.52 34.33 -9.43
CA ALA A 604 7.43 34.99 -10.35
C ALA A 604 8.88 34.80 -9.89
N LEU A 605 9.75 34.49 -10.84
CA LEU A 605 11.19 34.35 -10.60
C LEU A 605 11.60 33.08 -9.85
N TRP A 606 10.65 32.18 -9.63
CA TRP A 606 11.04 30.86 -9.15
C TRP A 606 11.87 30.19 -10.24
N ALA A 607 12.78 29.31 -9.81
CA ALA A 607 13.72 28.67 -10.72
C ALA A 607 13.14 27.38 -11.29
N VAL A 608 13.34 27.16 -12.57
CA VAL A 608 12.89 25.91 -13.18
C VAL A 608 13.98 24.86 -13.06
N LEU A 609 13.66 23.74 -12.39
CA LEU A 609 14.63 22.67 -12.16
C LEU A 609 14.79 21.81 -13.42
N ASP A 610 15.87 21.05 -13.47
CA ASP A 610 16.21 20.24 -14.65
C ASP A 610 15.53 18.88 -14.64
N THR A 611 14.20 18.89 -14.79
CA THR A 611 13.41 17.67 -14.75
C THR A 611 13.64 16.75 -15.95
N ASP A 612 14.03 17.34 -17.08
CA ASP A 612 14.22 16.60 -18.33
C ASP A 612 15.62 16.01 -18.47
N GLY A 613 16.54 16.44 -17.64
CA GLY A 613 17.91 15.95 -17.71
C GLY A 613 18.75 16.74 -18.68
N THR A 614 18.56 18.05 -18.66
CA THR A 614 19.43 19.06 -19.30
C THR A 614 18.63 20.15 -20.01
N GLY A 615 18.88 21.39 -19.58
CA GLY A 615 18.28 22.56 -20.17
C GLY A 615 19.32 23.44 -20.86
N ASP A 616 20.36 23.84 -20.14
CA ASP A 616 20.57 23.48 -18.75
C ASP A 616 20.88 24.71 -17.90
N ALA A 617 20.23 24.82 -16.75
CA ALA A 617 20.50 25.94 -15.84
C ALA A 617 20.60 25.48 -14.37
N PRO A 618 19.54 25.63 -13.54
CA PRO A 618 18.22 26.27 -13.51
C PRO A 618 18.22 27.80 -13.46
N GLU A 619 17.20 28.43 -14.02
CA GLU A 619 17.08 29.89 -14.05
C GLU A 619 15.72 30.40 -13.57
N PRO A 620 15.67 31.65 -13.10
CA PRO A 620 14.42 32.32 -12.74
C PRO A 620 13.51 32.49 -13.96
N HIS A 621 12.21 32.23 -13.78
CA HIS A 621 11.24 32.46 -14.84
C HIS A 621 10.07 33.26 -14.28
N THR A 622 9.44 34.06 -15.14
CA THR A 622 8.19 34.73 -14.79
C THR A 622 7.03 34.09 -15.55
N GLU A 623 7.35 33.25 -16.53
CA GLU A 623 6.33 32.47 -17.22
C GLU A 623 6.91 31.17 -17.76
N LEU A 624 6.02 30.23 -18.10
CA LEU A 624 6.41 28.94 -18.66
C LEU A 624 5.57 28.67 -19.90
N LEU A 625 6.11 27.86 -20.80
CA LEU A 625 5.35 27.29 -21.90
C LEU A 625 5.48 25.78 -21.79
N LEU A 626 4.40 25.12 -21.38
CA LEU A 626 4.44 23.68 -21.13
C LEU A 626 4.07 22.91 -22.38
N PRO A 627 4.97 22.01 -22.82
CA PRO A 627 4.69 21.13 -23.94
C PRO A 627 3.51 20.22 -23.60
N ALA A 628 2.97 19.54 -24.61
CA ALA A 628 1.95 18.53 -24.42
C ALA A 628 2.44 17.55 -23.35
N TYR A 629 1.56 17.24 -22.40
CA TYR A 629 1.83 16.28 -21.33
C TYR A 629 3.04 16.65 -20.48
N GLY A 630 3.38 17.93 -20.48
CA GLY A 630 4.59 18.41 -19.86
C GLY A 630 4.56 18.56 -18.34
N VAL A 631 5.74 18.45 -17.75
CA VAL A 631 5.93 18.66 -16.31
C VAL A 631 7.02 19.71 -16.10
N ARG A 632 6.79 20.63 -15.17
CA ARG A 632 7.82 21.58 -14.77
C ARG A 632 7.85 21.60 -13.26
N TRP A 633 9.05 21.47 -12.69
CA TRP A 633 9.26 21.61 -11.27
C TRP A 633 10.02 22.91 -11.02
N LEU A 634 9.55 23.71 -10.08
CA LEU A 634 10.17 25.01 -9.78
C LEU A 634 10.50 25.14 -8.29
N GLN A 635 11.63 25.79 -8.01
CA GLN A 635 12.00 26.01 -6.62
C GLN A 635 12.17 27.50 -6.31
N ARG A 636 11.74 27.92 -5.13
CA ARG A 636 11.99 29.28 -4.68
C ARG A 636 13.42 29.37 -4.19
N ARG A 637 14.19 30.27 -4.78
CA ARG A 637 15.59 30.44 -4.38
C ARG A 637 15.87 31.85 -3.87
#